data_1S3Z
#
_entry.id   1S3Z
#
_cell.length_a   84.989
_cell.length_b   44.688
_cell.length_c   87.974
_cell.angle_alpha   90.00
_cell.angle_beta   93.86
_cell.angle_gamma   90.00
#
_symmetry.space_group_name_H-M   'C 1 2 1'
#
loop_
_entity.id
_entity.type
_entity.pdbx_description
1 polymer "aminoglycoside 6'-N-acetyltransferase"
2 non-polymer 'NICKEL (II) ION'
3 non-polymer 'SULFATE ION'
4 non-polymer 'COENZYME A'
5 non-polymer RIBOSTAMYCIN
6 water water
#
_entity_poly.entity_id   1
_entity_poly.type   'polypeptide(L)'
_entity_poly.pdbx_seq_one_letter_code
;MGSSHHHHHHSSGLVPRGSHMDIRQMNKTHLEHWRGLRKQLWPGHPDDAHLADGEEILQADHLASFIAMADGVAIGFADA
SIRHDYVNGCDSSPVVFLEGIFVLPSFRQRGVAKQLIAAVQRWGTNKGCREMASDTSPENTISQKVHQALGFEETERVIF
YRKRC
;
_entity_poly.pdbx_strand_id   A,B
#
loop_
_chem_comp.id
_chem_comp.type
_chem_comp.name
_chem_comp.formula
COA non-polymer 'COENZYME A' 'C21 H36 N7 O16 P3 S'
NI non-polymer 'NICKEL (II) ION' 'Ni 2'
RIO non-polymer RIBOSTAMYCIN 'C17 H34 N4 O10'
SO4 non-polymer 'SULFATE ION' 'O4 S -2'
#
# COMPACT_ATOMS: atom_id res chain seq x y z
N SER A 19 -34.04 14.96 0.76
CA SER A 19 -33.40 16.23 1.24
C SER A 19 -32.00 16.29 0.62
N HIS A 20 -31.53 17.51 0.36
CA HIS A 20 -30.24 17.73 -0.32
C HIS A 20 -28.98 17.35 0.48
N MET A 21 -28.09 16.59 -0.12
CA MET A 21 -26.88 16.24 0.61
C MET A 21 -25.67 16.90 -0.07
N ASP A 22 -24.70 17.32 0.75
CA ASP A 22 -23.46 17.83 0.26
C ASP A 22 -22.27 17.01 0.79
N ILE A 23 -21.26 16.81 -0.06
CA ILE A 23 -20.01 16.18 0.34
C ILE A 23 -19.03 17.40 0.51
N ARG A 24 -18.59 17.69 1.72
CA ARG A 24 -17.69 18.80 1.95
C ARG A 24 -16.29 18.25 2.23
N GLN A 25 -15.27 18.85 1.64
CA GLN A 25 -13.94 18.39 1.92
C GLN A 25 -13.76 18.91 3.33
N MET A 26 -13.19 18.09 4.18
CA MET A 26 -13.09 18.50 5.55
C MET A 26 -12.15 19.65 5.86
N ASN A 27 -12.65 20.68 6.54
CA ASN A 27 -11.76 21.75 6.97
C ASN A 27 -12.00 21.83 8.49
N LYS A 28 -11.31 22.74 9.16
CA LYS A 28 -11.42 22.90 10.59
C LYS A 28 -12.87 22.92 11.08
N THR A 29 -13.77 23.55 10.33
CA THR A 29 -15.13 23.60 10.78
C THR A 29 -15.84 22.23 10.86
N HIS A 30 -15.32 21.21 10.19
CA HIS A 30 -15.97 19.91 10.25
C HIS A 30 -15.23 18.91 11.08
N LEU A 31 -14.16 19.33 11.77
CA LEU A 31 -13.40 18.36 12.57
C LEU A 31 -14.20 17.52 13.55
N GLU A 32 -15.13 18.15 14.29
CA GLU A 32 -15.94 17.37 15.24
C GLU A 32 -16.91 16.44 14.50
N HIS A 33 -17.49 16.89 13.39
CA HIS A 33 -18.35 15.96 12.65
C HIS A 33 -17.52 14.73 12.26
N TRP A 34 -16.31 14.98 11.73
CA TRP A 34 -15.42 13.89 11.25
C TRP A 34 -15.02 12.90 12.36
N ARG A 35 -14.47 13.43 13.42
CA ARG A 35 -14.01 12.61 14.54
C ARG A 35 -15.19 11.78 15.13
N GLY A 36 -16.36 12.38 15.23
CA GLY A 36 -17.53 11.68 15.78
C GLY A 36 -17.85 10.47 14.92
N LEU A 37 -17.69 10.59 13.59
CA LEU A 37 -17.99 9.46 12.72
C LEU A 37 -16.84 8.45 12.67
N ARG A 38 -15.63 8.99 12.63
CA ARG A 38 -14.46 8.14 12.53
C ARG A 38 -14.34 7.15 13.70
N LYS A 39 -14.70 7.60 14.88
CA LYS A 39 -14.65 6.71 16.04
C LYS A 39 -15.68 5.60 15.91
N GLN A 40 -16.72 5.82 15.11
CA GLN A 40 -17.68 4.75 14.90
C GLN A 40 -17.17 3.74 13.86
N LEU A 41 -16.35 4.18 12.91
CA LEU A 41 -15.79 3.24 11.92
C LEU A 41 -14.65 2.41 12.55
N TRP A 42 -13.78 3.07 13.32
CA TRP A 42 -12.58 2.45 13.91
C TRP A 42 -12.54 2.66 15.44
N PRO A 43 -13.37 1.93 16.20
CA PRO A 43 -13.31 2.15 17.66
C PRO A 43 -11.90 1.86 18.22
N GLY A 44 -11.59 2.34 19.42
CA GLY A 44 -10.26 2.04 19.93
C GLY A 44 -9.06 2.41 19.02
N HIS A 45 -9.30 3.19 17.96
CA HIS A 45 -8.15 3.71 17.22
C HIS A 45 -8.03 4.77 18.34
N PRO A 46 -6.83 4.98 18.91
CA PRO A 46 -6.71 5.97 20.00
C PRO A 46 -7.26 7.39 19.80
N ASP A 47 -7.92 7.91 20.83
CA ASP A 47 -8.49 9.25 20.79
C ASP A 47 -7.44 10.30 20.38
N ASP A 48 -6.28 10.22 21.01
CA ASP A 48 -5.19 11.14 20.69
C ASP A 48 -4.81 11.06 19.21
N ALA A 49 -4.98 9.89 18.64
CA ALA A 49 -4.66 9.64 17.25
C ALA A 49 -5.61 10.43 16.34
N HIS A 50 -6.92 10.34 16.60
CA HIS A 50 -7.90 11.08 15.78
C HIS A 50 -7.56 12.57 15.75
N LEU A 51 -7.25 13.10 16.92
CA LEU A 51 -6.92 14.50 17.05
C LEU A 51 -5.74 14.92 16.16
N ALA A 52 -4.64 14.21 16.32
CA ALA A 52 -3.41 14.43 15.56
C ALA A 52 -3.71 14.23 14.05
N ASP A 53 -4.38 13.11 13.71
CA ASP A 53 -4.79 12.79 12.33
C ASP A 53 -5.59 13.92 11.71
N GLY A 54 -6.55 14.46 12.48
CA GLY A 54 -7.33 15.57 11.98
C GLY A 54 -6.43 16.73 11.62
N GLU A 55 -5.48 17.03 12.52
CA GLU A 55 -4.60 18.18 12.28
C GLU A 55 -3.67 17.93 11.10
N GLU A 56 -3.13 16.72 11.02
CA GLU A 56 -2.28 16.37 9.93
C GLU A 56 -3.06 16.53 8.63
N ILE A 57 -4.30 16.02 8.60
CA ILE A 57 -5.04 16.10 7.37
C ILE A 57 -5.29 17.53 6.94
N LEU A 58 -5.63 18.38 7.87
CA LEU A 58 -5.92 19.78 7.53
C LEU A 58 -4.72 20.49 6.91
N GLN A 59 -3.51 20.01 7.16
CA GLN A 59 -2.33 20.67 6.59
C GLN A 59 -1.64 19.99 5.39
N ALA A 60 -2.13 18.81 5.06
CA ALA A 60 -1.56 17.96 4.02
C ALA A 60 -1.93 18.29 2.59
N ASP A 61 -1.08 17.88 1.64
CA ASP A 61 -1.49 18.03 0.28
C ASP A 61 -1.69 16.62 -0.28
N HIS A 62 -1.29 15.58 0.46
CA HIS A 62 -1.52 14.20 0.03
C HIS A 62 -2.58 13.43 0.85
N LEU A 63 -3.33 14.17 1.68
CA LEU A 63 -4.41 13.59 2.48
C LEU A 63 -5.61 14.50 2.35
N ALA A 64 -6.82 13.94 2.27
CA ALA A 64 -8.03 14.76 2.29
C ALA A 64 -9.17 13.87 2.80
N SER A 65 -10.13 14.46 3.50
CA SER A 65 -11.27 13.69 3.99
C SER A 65 -12.49 14.45 3.56
N PHE A 66 -13.57 13.68 3.45
CA PHE A 66 -14.80 14.24 2.93
C PHE A 66 -15.98 13.81 3.84
N ILE A 67 -16.83 14.77 4.13
CA ILE A 67 -17.99 14.57 5.03
C ILE A 67 -19.32 14.74 4.30
N ALA A 68 -20.19 13.72 4.38
CA ALA A 68 -21.51 13.83 3.77
C ALA A 68 -22.42 14.58 4.78
N MET A 69 -22.99 15.71 4.37
CA MET A 69 -23.84 16.54 5.28
C MET A 69 -25.22 16.69 4.66
N ALA A 70 -26.26 16.65 5.48
CA ALA A 70 -27.66 16.86 5.01
C ALA A 70 -28.42 17.44 6.20
N ASP A 71 -29.19 18.49 5.98
CA ASP A 71 -29.96 19.11 7.05
C ASP A 71 -29.10 19.47 8.25
N GLY A 72 -27.84 19.78 7.97
CA GLY A 72 -26.95 20.21 9.06
C GLY A 72 -26.23 19.12 9.87
N VAL A 73 -26.51 17.85 9.61
CA VAL A 73 -25.80 16.78 10.32
C VAL A 73 -24.89 16.03 9.41
N ALA A 74 -23.88 15.40 9.97
CA ALA A 74 -22.93 14.62 9.19
C ALA A 74 -23.42 13.14 9.22
N ILE A 75 -23.68 12.54 8.05
CA ILE A 75 -24.19 11.21 8.02
C ILE A 75 -23.19 10.19 7.51
N GLY A 76 -22.00 10.67 7.09
CA GLY A 76 -21.00 9.72 6.61
C GLY A 76 -19.66 10.40 6.25
N PHE A 77 -18.59 9.61 6.06
CA PHE A 77 -17.32 10.23 5.66
C PHE A 77 -16.42 9.24 4.96
N ALA A 78 -15.41 9.80 4.29
CA ALA A 78 -14.38 9.02 3.65
C ALA A 78 -13.06 9.74 3.88
N ASP A 79 -12.04 8.95 4.17
CA ASP A 79 -10.67 9.44 4.29
C ASP A 79 -9.97 9.01 2.96
N ALA A 80 -9.15 9.89 2.38
CA ALA A 80 -8.46 9.53 1.14
C ALA A 80 -7.01 10.00 1.21
N SER A 81 -6.16 9.40 0.39
CA SER A 81 -4.78 9.87 0.31
C SER A 81 -4.30 9.80 -1.15
N ILE A 82 -3.13 10.40 -1.41
CA ILE A 82 -2.50 10.32 -2.74
C ILE A 82 -1.23 9.53 -2.34
N ARG A 83 -1.14 8.32 -2.86
CA ARG A 83 -0.07 7.44 -2.47
C ARG A 83 0.99 7.33 -3.55
N HIS A 84 2.26 7.55 -3.17
CA HIS A 84 3.40 7.37 -4.09
C HIS A 84 4.01 5.97 -3.86
N ASP A 85 3.77 5.36 -2.70
CA ASP A 85 4.28 3.97 -2.52
C ASP A 85 3.57 3.06 -3.56
N TYR A 86 4.17 1.91 -3.86
CA TYR A 86 3.54 0.97 -4.80
C TYR A 86 2.18 0.66 -4.19
N VAL A 87 1.12 0.69 -5.01
CA VAL A 87 -0.19 0.28 -4.52
C VAL A 87 -0.57 -1.05 -5.22
N ASN A 88 -0.86 -2.07 -4.42
CA ASN A 88 -1.23 -3.37 -4.98
C ASN A 88 -2.29 -3.30 -6.08
N GLY A 89 -2.01 -3.88 -7.25
CA GLY A 89 -3.00 -3.94 -8.32
C GLY A 89 -2.93 -2.79 -9.31
N CYS A 90 -2.14 -1.74 -9.01
CA CYS A 90 -2.08 -0.56 -9.87
C CYS A 90 -0.86 -0.61 -10.75
N ASP A 91 -0.95 0.07 -11.87
CA ASP A 91 0.14 0.14 -12.82
C ASP A 91 0.73 1.51 -12.95
N SER A 92 0.21 2.51 -12.24
CA SER A 92 0.74 3.87 -12.35
C SER A 92 0.93 4.46 -10.97
N SER A 93 1.51 5.66 -10.89
CA SER A 93 1.79 6.31 -9.61
C SER A 93 1.83 7.81 -9.86
N PRO A 94 1.29 8.62 -8.94
CA PRO A 94 0.65 8.29 -7.66
C PRO A 94 -0.76 7.79 -7.90
N VAL A 95 -1.35 7.27 -6.84
CA VAL A 95 -2.67 6.66 -6.90
C VAL A 95 -3.54 7.31 -5.81
N VAL A 96 -4.82 7.57 -6.13
CA VAL A 96 -5.67 8.14 -5.07
C VAL A 96 -6.24 6.92 -4.38
N PHE A 97 -6.10 6.91 -3.05
CA PHE A 97 -6.50 5.72 -2.30
C PHE A 97 -7.55 5.97 -1.22
N LEU A 98 -8.55 5.09 -1.23
CA LEU A 98 -9.67 5.27 -0.28
C LEU A 98 -9.20 4.60 1.03
N GLU A 99 -8.81 5.41 2.02
CA GLU A 99 -8.29 4.90 3.29
C GLU A 99 -9.34 4.37 4.29
N GLY A 100 -10.58 4.84 4.16
CA GLY A 100 -11.66 4.38 5.02
C GLY A 100 -12.96 5.04 4.56
N ILE A 101 -14.10 4.39 4.75
CA ILE A 101 -15.35 4.98 4.41
C ILE A 101 -16.42 4.39 5.33
N PHE A 102 -17.35 5.25 5.73
CA PHE A 102 -18.39 4.87 6.67
C PHE A 102 -19.61 5.75 6.53
N VAL A 103 -20.75 5.11 6.55
CA VAL A 103 -22.04 5.78 6.46
C VAL A 103 -22.85 5.26 7.64
N LEU A 104 -23.50 6.14 8.37
CA LEU A 104 -24.26 5.69 9.57
C LEU A 104 -25.28 4.61 9.15
N PRO A 105 -25.51 3.63 10.02
CA PRO A 105 -26.50 2.58 9.65
C PRO A 105 -27.80 3.11 9.06
N SER A 106 -28.42 4.12 9.69
CA SER A 106 -29.73 4.58 9.23
C SER A 106 -29.77 5.25 7.90
N PHE A 107 -28.61 5.58 7.35
CA PHE A 107 -28.60 6.31 6.08
C PHE A 107 -27.93 5.50 4.98
N ARG A 108 -27.79 4.21 5.18
CA ARG A 108 -27.16 3.36 4.16
C ARG A 108 -28.10 2.99 3.02
N GLN A 109 -27.49 2.58 1.90
CA GLN A 109 -28.24 2.20 0.67
C GLN A 109 -29.05 3.37 0.13
N ARG A 110 -28.51 4.56 0.29
CA ARG A 110 -29.15 5.74 -0.22
C ARG A 110 -28.18 6.46 -1.18
N GLY A 111 -27.05 5.83 -1.47
CA GLY A 111 -26.09 6.42 -2.38
C GLY A 111 -25.12 7.42 -1.74
N VAL A 112 -25.06 7.42 -0.42
CA VAL A 112 -24.13 8.31 0.25
C VAL A 112 -22.68 7.93 -0.08
N ALA A 113 -22.32 6.66 0.08
CA ALA A 113 -20.95 6.25 -0.23
C ALA A 113 -20.64 6.54 -1.75
N LYS A 114 -21.61 6.27 -2.63
CA LYS A 114 -21.36 6.56 -4.03
C LYS A 114 -20.88 8.00 -4.18
N GLN A 115 -21.59 8.95 -3.59
CA GLN A 115 -21.18 10.35 -3.66
C GLN A 115 -19.87 10.69 -2.96
N LEU A 116 -19.64 10.10 -1.79
CA LEU A 116 -18.36 10.33 -1.11
C LEU A 116 -17.20 9.85 -2.03
N ILE A 117 -17.35 8.65 -2.58
CA ILE A 117 -16.31 8.12 -3.47
C ILE A 117 -16.07 8.97 -4.74
N ALA A 118 -17.16 9.53 -5.29
CA ALA A 118 -17.04 10.40 -6.47
C ALA A 118 -16.22 11.64 -6.07
N ALA A 119 -16.39 12.11 -4.81
CA ALA A 119 -15.64 13.26 -4.32
C ALA A 119 -14.17 12.89 -4.23
N VAL A 120 -13.87 11.70 -3.70
CA VAL A 120 -12.46 11.25 -3.58
C VAL A 120 -11.83 11.16 -4.98
N GLN A 121 -12.59 10.57 -5.90
CA GLN A 121 -12.11 10.40 -7.28
C GLN A 121 -11.82 11.76 -7.93
N ARG A 122 -12.71 12.71 -7.71
CA ARG A 122 -12.58 14.06 -8.28
C ARG A 122 -11.29 14.70 -7.71
N TRP A 123 -11.10 14.60 -6.38
CA TRP A 123 -9.93 15.11 -5.75
C TRP A 123 -8.65 14.44 -6.33
N GLY A 124 -8.61 13.13 -6.44
CA GLY A 124 -7.39 12.50 -6.94
C GLY A 124 -7.16 12.82 -8.43
N THR A 125 -8.25 12.92 -9.18
CA THR A 125 -8.11 13.26 -10.58
C THR A 125 -7.51 14.68 -10.71
N ASN A 126 -8.01 15.62 -9.95
CA ASN A 126 -7.50 16.95 -10.09
C ASN A 126 -6.02 17.05 -9.65
N LYS A 127 -5.58 16.09 -8.85
CA LYS A 127 -4.21 15.97 -8.35
C LYS A 127 -3.38 15.12 -9.34
N GLY A 128 -3.95 14.78 -10.49
CA GLY A 128 -3.20 14.00 -11.45
C GLY A 128 -3.11 12.50 -11.25
N CYS A 129 -4.00 11.90 -10.45
CA CYS A 129 -3.89 10.44 -10.37
C CYS A 129 -4.69 9.77 -11.52
N ARG A 130 -4.14 8.69 -12.08
CA ARG A 130 -4.86 7.95 -13.14
C ARG A 130 -5.65 6.76 -12.59
N GLU A 131 -5.41 6.41 -11.34
CA GLU A 131 -6.07 5.27 -10.78
C GLU A 131 -6.52 5.55 -9.36
N MET A 132 -7.65 4.96 -8.99
CA MET A 132 -8.16 5.04 -7.61
C MET A 132 -8.14 3.61 -7.10
N ALA A 133 -7.67 3.41 -5.88
CA ALA A 133 -7.65 2.08 -5.34
C ALA A 133 -8.23 2.13 -3.91
N SER A 134 -8.45 0.94 -3.37
CA SER A 134 -9.04 0.75 -2.04
C SER A 134 -8.75 -0.70 -1.62
N ASP A 135 -8.96 -1.06 -0.37
CA ASP A 135 -8.79 -2.45 0.03
C ASP A 135 -9.84 -2.76 1.12
N THR A 136 -10.13 -4.03 1.33
CA THR A 136 -11.12 -4.36 2.35
C THR A 136 -10.90 -5.82 2.74
N SER A 137 -11.35 -6.18 3.92
CA SER A 137 -11.23 -7.57 4.37
C SER A 137 -12.02 -8.55 3.49
N PRO A 138 -11.46 -9.75 3.24
CA PRO A 138 -12.16 -10.74 2.40
C PRO A 138 -13.50 -11.07 3.05
N GLU A 139 -13.56 -10.89 4.37
CA GLU A 139 -14.75 -11.12 5.15
C GLU A 139 -15.76 -9.98 5.12
N ASN A 140 -15.36 -8.77 4.71
CA ASN A 140 -16.36 -7.70 4.65
C ASN A 140 -17.13 -7.87 3.36
N THR A 141 -18.22 -8.63 3.39
CA THR A 141 -18.96 -8.88 2.15
C THR A 141 -19.71 -7.70 1.57
N ILE A 142 -20.32 -6.87 2.42
CA ILE A 142 -21.03 -5.72 1.88
C ILE A 142 -20.02 -4.76 1.21
N SER A 143 -18.85 -4.58 1.83
CA SER A 143 -17.83 -3.69 1.25
C SER A 143 -17.43 -4.16 -0.15
N GLN A 144 -17.26 -5.47 -0.32
CA GLN A 144 -16.93 -6.01 -1.65
C GLN A 144 -18.04 -5.70 -2.65
N LYS A 145 -19.29 -5.92 -2.24
CA LYS A 145 -20.42 -5.65 -3.14
C LYS A 145 -20.43 -4.16 -3.50
N VAL A 146 -20.19 -3.33 -2.47
CA VAL A 146 -20.19 -1.91 -2.73
C VAL A 146 -19.06 -1.52 -3.72
N HIS A 147 -17.84 -2.00 -3.46
CA HIS A 147 -16.73 -1.57 -4.34
C HIS A 147 -17.07 -1.98 -5.78
N GLN A 148 -17.56 -3.18 -5.95
CA GLN A 148 -17.88 -3.61 -7.32
C GLN A 148 -19.05 -2.91 -7.93
N ALA A 149 -20.08 -2.68 -7.11
CA ALA A 149 -21.26 -1.98 -7.61
C ALA A 149 -20.80 -0.63 -8.08
N LEU A 150 -19.77 -0.06 -7.44
CA LEU A 150 -19.34 1.27 -7.89
C LEU A 150 -18.25 1.29 -8.96
N GLY A 151 -17.99 0.19 -9.61
CA GLY A 151 -17.04 0.29 -10.70
C GLY A 151 -15.58 -0.05 -10.42
N PHE A 152 -15.28 -0.56 -9.24
CA PHE A 152 -13.91 -0.93 -8.91
C PHE A 152 -13.86 -2.37 -9.35
N GLU A 153 -12.70 -2.83 -9.78
CA GLU A 153 -12.59 -4.22 -10.09
C GLU A 153 -11.57 -4.75 -9.11
N GLU A 154 -11.79 -5.98 -8.66
CA GLU A 154 -10.86 -6.65 -7.76
C GLU A 154 -9.54 -6.93 -8.51
N THR A 155 -8.40 -6.64 -7.89
CA THR A 155 -7.12 -6.88 -8.60
C THR A 155 -6.30 -8.00 -7.99
N GLU A 156 -6.17 -8.05 -6.68
CA GLU A 156 -5.41 -9.11 -6.06
C GLU A 156 -5.75 -9.20 -4.60
N ARG A 157 -5.35 -10.30 -4.00
CA ARG A 157 -5.59 -10.50 -2.60
C ARG A 157 -4.20 -10.86 -2.03
N VAL A 158 -3.83 -10.35 -0.86
CA VAL A 158 -2.52 -10.67 -0.34
C VAL A 158 -2.53 -10.82 1.17
N ILE A 159 -1.49 -11.44 1.72
CA ILE A 159 -1.34 -11.56 3.15
C ILE A 159 -0.20 -10.57 3.47
N PHE A 160 -0.38 -9.68 4.45
CA PHE A 160 0.70 -8.77 4.81
C PHE A 160 1.49 -9.34 5.97
N TYR A 161 2.77 -9.00 6.02
CA TYR A 161 3.69 -9.48 7.07
C TYR A 161 4.42 -8.29 7.67
N ARG A 162 4.82 -8.44 8.93
CA ARG A 162 5.52 -7.40 9.62
C ARG A 162 6.62 -8.04 10.48
N LYS A 163 7.73 -7.36 10.61
CA LYS A 163 8.86 -7.79 11.44
C LYS A 163 9.47 -6.48 11.99
N ARG A 164 9.64 -6.42 13.31
CA ARG A 164 10.23 -5.24 13.94
C ARG A 164 11.66 -5.07 13.47
N CYS A 165 12.08 -3.83 13.25
CA CYS A 165 13.43 -3.53 12.78
C CYS A 165 14.40 -3.34 13.91
N MET B 21 29.55 -16.12 -2.51
CA MET B 21 28.14 -15.64 -2.27
C MET B 21 28.07 -14.28 -1.56
N ASP B 22 28.24 -13.23 -2.36
CA ASP B 22 28.17 -11.91 -1.80
C ASP B 22 26.87 -11.22 -2.18
N ILE B 23 26.44 -10.32 -1.30
CA ILE B 23 25.23 -9.55 -1.52
C ILE B 23 25.68 -8.12 -1.74
N ARG B 24 25.25 -7.52 -2.84
CA ARG B 24 25.62 -6.16 -3.13
C ARG B 24 24.40 -5.35 -3.53
N GLN B 25 24.42 -4.06 -3.20
CA GLN B 25 23.31 -3.21 -3.57
C GLN B 25 23.46 -3.06 -5.07
N MET B 26 22.35 -3.11 -5.78
CA MET B 26 22.36 -2.97 -7.25
C MET B 26 22.84 -1.62 -7.76
N ASN B 27 23.61 -1.66 -8.85
CA ASN B 27 24.07 -0.43 -9.48
C ASN B 27 23.95 -0.72 -10.99
N LYS B 28 24.19 0.30 -11.80
CA LYS B 28 24.06 0.23 -13.25
C LYS B 28 24.63 -1.05 -13.88
N THR B 29 25.74 -1.55 -13.33
CA THR B 29 26.37 -2.74 -13.86
C THR B 29 25.58 -4.03 -13.69
N HIS B 30 24.70 -4.09 -12.69
CA HIS B 30 23.88 -5.28 -12.41
C HIS B 30 22.51 -5.26 -13.14
N LEU B 31 22.14 -4.14 -13.79
CA LEU B 31 20.79 -4.03 -14.38
C LEU B 31 20.38 -5.14 -15.35
N GLU B 32 21.26 -5.46 -16.30
CA GLU B 32 20.87 -6.47 -17.24
C GLU B 32 20.54 -7.84 -16.62
N HIS B 33 21.38 -8.29 -15.71
CA HIS B 33 21.13 -9.56 -15.08
C HIS B 33 19.95 -9.51 -14.09
N TRP B 34 19.80 -8.39 -13.41
CA TRP B 34 18.69 -8.17 -12.45
C TRP B 34 17.42 -8.30 -13.31
N ARG B 35 17.38 -7.61 -14.44
CA ARG B 35 16.20 -7.71 -15.30
C ARG B 35 15.89 -9.16 -15.68
N GLY B 36 16.94 -9.93 -15.93
CA GLY B 36 16.68 -11.32 -16.30
C GLY B 36 16.06 -12.11 -15.15
N LEU B 37 16.52 -11.88 -13.94
CA LEU B 37 15.91 -12.56 -12.80
C LEU B 37 14.49 -12.01 -12.52
N ARG B 38 14.34 -10.70 -12.62
CA ARG B 38 13.08 -10.05 -12.35
C ARG B 38 11.97 -10.50 -13.29
N LYS B 39 12.32 -10.77 -14.56
CA LYS B 39 11.34 -11.26 -15.53
C LYS B 39 10.88 -12.67 -15.14
N GLN B 40 11.73 -13.40 -14.42
CA GLN B 40 11.29 -14.72 -14.01
C GLN B 40 10.37 -14.61 -12.79
N LEU B 41 10.64 -13.65 -11.90
CA LEU B 41 9.73 -13.44 -10.78
C LEU B 41 8.37 -12.95 -11.28
N TRP B 42 8.37 -11.97 -12.18
CA TRP B 42 7.13 -11.37 -12.67
C TRP B 42 7.06 -11.41 -14.19
N PRO B 43 6.71 -12.58 -14.73
CA PRO B 43 6.61 -12.75 -16.19
C PRO B 43 5.56 -11.80 -16.89
N GLY B 44 4.52 -11.40 -16.16
CA GLY B 44 3.50 -10.53 -16.75
C GLY B 44 3.90 -9.05 -16.88
N HIS B 45 4.94 -8.64 -16.15
CA HIS B 45 5.42 -7.24 -16.17
C HIS B 45 6.02 -6.97 -17.57
N PRO B 46 5.66 -5.84 -18.21
CA PRO B 46 6.18 -5.50 -19.54
C PRO B 46 7.71 -5.41 -19.54
N ASP B 47 8.39 -5.98 -20.54
CA ASP B 47 9.87 -5.90 -20.51
C ASP B 47 10.30 -4.46 -20.51
N ASP B 48 9.45 -3.64 -21.09
CA ASP B 48 9.66 -2.22 -21.20
C ASP B 48 9.79 -1.57 -19.82
N ALA B 49 8.98 -2.06 -18.90
CA ALA B 49 8.96 -1.55 -17.56
C ALA B 49 10.19 -1.91 -16.73
N HIS B 50 10.79 -3.09 -16.97
CA HIS B 50 11.97 -3.47 -16.19
C HIS B 50 13.05 -2.40 -16.45
N LEU B 51 13.09 -1.93 -17.69
CA LEU B 51 14.04 -0.93 -18.11
C LEU B 51 13.82 0.36 -17.31
N ALA B 52 12.61 0.90 -17.38
CA ALA B 52 12.34 2.11 -16.64
C ALA B 52 12.51 1.91 -15.14
N ASP B 53 12.07 0.77 -14.62
CA ASP B 53 12.12 0.53 -13.15
C ASP B 53 13.56 0.56 -12.62
N GLY B 54 14.48 -0.05 -13.37
CA GLY B 54 15.87 -0.08 -12.98
C GLY B 54 16.42 1.35 -12.88
N GLU B 55 16.22 2.15 -13.91
CA GLU B 55 16.62 3.56 -13.89
C GLU B 55 16.00 4.26 -12.66
N GLU B 56 14.72 3.98 -12.41
CA GLU B 56 14.01 4.65 -11.31
C GLU B 56 14.61 4.28 -9.96
N ILE B 57 14.91 2.99 -9.79
CA ILE B 57 15.50 2.53 -8.53
C ILE B 57 16.85 3.23 -8.24
N LEU B 58 17.67 3.34 -9.27
CA LEU B 58 18.98 3.93 -9.15
C LEU B 58 18.91 5.44 -8.92
N GLN B 59 17.89 6.08 -9.49
CA GLN B 59 17.75 7.50 -9.29
C GLN B 59 17.19 7.85 -7.90
N ALA B 60 16.34 7.00 -7.32
CA ALA B 60 15.68 7.32 -6.05
C ALA B 60 16.29 6.97 -4.73
N ASP B 61 16.26 7.95 -3.84
CA ASP B 61 16.81 7.71 -2.52
C ASP B 61 15.99 6.69 -1.72
N HIS B 62 14.69 6.62 -2.00
CA HIS B 62 13.79 5.74 -1.25
C HIS B 62 13.64 4.31 -1.81
N LEU B 63 14.47 3.97 -2.78
CA LEU B 63 14.46 2.64 -3.37
C LEU B 63 15.87 2.05 -3.39
N ALA B 64 15.96 0.72 -3.31
CA ALA B 64 17.23 -0.02 -3.37
C ALA B 64 16.92 -1.50 -3.68
N SER B 65 17.76 -2.13 -4.49
CA SER B 65 17.61 -3.52 -4.75
C SER B 65 18.95 -4.12 -4.36
N PHE B 66 18.94 -5.39 -4.06
CA PHE B 66 20.17 -6.04 -3.64
C PHE B 66 20.29 -7.28 -4.50
N ILE B 67 21.51 -7.59 -4.92
CA ILE B 67 21.74 -8.73 -5.82
C ILE B 67 22.66 -9.77 -5.12
N ALA B 68 22.31 -11.05 -5.22
CA ALA B 68 23.14 -12.09 -4.62
C ALA B 68 23.91 -12.71 -5.77
N MET B 69 25.25 -12.71 -5.68
CA MET B 69 26.10 -13.24 -6.75
C MET B 69 26.86 -14.51 -6.39
N ALA B 70 26.96 -15.44 -7.34
CA ALA B 70 27.73 -16.68 -7.14
C ALA B 70 28.71 -16.66 -8.32
N ASP B 71 30.02 -16.61 -8.01
CA ASP B 71 31.08 -16.55 -9.04
C ASP B 71 30.88 -15.38 -10.02
N GLY B 72 30.37 -14.27 -9.49
CA GLY B 72 30.17 -13.10 -10.31
C GLY B 72 28.91 -13.08 -11.13
N VAL B 73 28.07 -14.11 -10.95
CA VAL B 73 26.80 -14.21 -11.67
C VAL B 73 25.66 -14.02 -10.67
N ALA B 74 24.70 -13.21 -11.09
CA ALA B 74 23.53 -12.90 -10.24
C ALA B 74 22.61 -14.08 -10.23
N ILE B 75 22.32 -14.60 -9.02
CA ILE B 75 21.45 -15.75 -8.87
C ILE B 75 20.25 -15.46 -7.95
N GLY B 76 20.17 -14.24 -7.43
CA GLY B 76 19.03 -13.89 -6.59
C GLY B 76 18.96 -12.36 -6.45
N PHE B 77 17.78 -11.82 -6.13
CA PHE B 77 17.68 -10.36 -5.90
C PHE B 77 16.47 -10.11 -5.04
N ALA B 78 16.48 -8.92 -4.42
CA ALA B 78 15.38 -8.46 -3.62
C ALA B 78 15.28 -7.02 -3.96
N ASP B 79 14.04 -6.59 -4.24
CA ASP B 79 13.70 -5.18 -4.51
C ASP B 79 13.09 -4.63 -3.23
N ALA B 80 13.51 -3.44 -2.81
CA ALA B 80 12.91 -2.91 -1.60
C ALA B 80 12.62 -1.42 -1.70
N SER B 81 11.79 -0.91 -0.80
CA SER B 81 11.53 0.53 -0.81
C SER B 81 11.38 1.03 0.64
N ILE B 82 11.45 2.34 0.81
CA ILE B 82 11.14 2.96 2.10
C ILE B 82 9.73 3.49 1.80
N ARG B 83 8.74 2.99 2.52
CA ARG B 83 7.35 3.43 2.24
C ARG B 83 6.92 4.49 3.25
N HIS B 84 6.32 5.55 2.72
CA HIS B 84 5.89 6.65 3.54
C HIS B 84 4.39 6.73 3.71
N ASP B 85 3.66 5.90 2.99
CA ASP B 85 2.20 5.97 3.10
C ASP B 85 1.75 4.88 4.07
N TYR B 86 0.45 4.71 4.20
CA TYR B 86 -0.05 3.70 5.09
C TYR B 86 0.35 2.34 4.56
N VAL B 87 0.76 1.47 5.49
CA VAL B 87 1.13 0.08 5.15
C VAL B 87 0.31 -0.84 6.07
N ASN B 88 -0.52 -1.66 5.46
CA ASN B 88 -1.35 -2.57 6.25
C ASN B 88 -0.55 -3.32 7.31
N GLY B 89 -1.05 -3.32 8.54
CA GLY B 89 -0.41 -4.04 9.65
C GLY B 89 0.71 -3.34 10.42
N CYS B 90 1.20 -2.23 9.88
CA CYS B 90 2.27 -1.48 10.51
C CYS B 90 1.77 -0.29 11.30
N ASP B 91 2.42 0.08 12.39
CA ASP B 91 1.94 1.24 13.11
C ASP B 91 2.87 2.42 13.15
N SER B 92 3.96 2.36 12.42
CA SER B 92 4.87 3.49 12.39
C SER B 92 5.24 3.80 10.94
N SER B 93 5.92 4.91 10.71
CA SER B 93 6.31 5.28 9.35
C SER B 93 7.60 6.06 9.50
N PRO B 94 8.56 5.90 8.58
CA PRO B 94 8.55 5.05 7.38
C PRO B 94 8.65 3.55 7.68
N VAL B 95 8.38 2.74 6.67
CA VAL B 95 8.45 1.28 6.83
C VAL B 95 9.39 0.76 5.72
N VAL B 96 10.28 -0.22 6.00
CA VAL B 96 11.11 -0.77 4.88
C VAL B 96 10.21 -1.87 4.34
N PHE B 97 9.96 -1.83 3.05
CA PHE B 97 9.10 -2.83 2.45
C PHE B 97 9.80 -3.73 1.45
N LEU B 98 9.66 -5.02 1.62
CA LEU B 98 10.22 -6.01 0.69
C LEU B 98 9.25 -6.09 -0.52
N GLU B 99 9.61 -5.43 -1.63
CA GLU B 99 8.71 -5.37 -2.79
C GLU B 99 8.70 -6.66 -3.66
N GLY B 100 9.76 -7.47 -3.54
CA GLY B 100 9.83 -8.75 -4.29
C GLY B 100 11.17 -9.39 -4.01
N ILE B 101 11.23 -10.71 -4.08
CA ILE B 101 12.48 -11.41 -3.88
C ILE B 101 12.39 -12.68 -4.69
N PHE B 102 13.54 -13.06 -5.26
CA PHE B 102 13.64 -14.26 -6.09
C PHE B 102 15.07 -14.81 -6.08
N VAL B 103 15.15 -16.14 -5.99
CA VAL B 103 16.42 -16.85 -5.96
C VAL B 103 16.27 -17.95 -7.01
N LEU B 104 17.28 -18.15 -7.87
CA LEU B 104 17.14 -19.21 -8.89
C LEU B 104 16.91 -20.55 -8.19
N PRO B 105 16.02 -21.38 -8.75
CA PRO B 105 15.76 -22.70 -8.11
C PRO B 105 17.04 -23.46 -7.69
N SER B 106 18.04 -23.51 -8.58
CA SER B 106 19.29 -24.22 -8.23
C SER B 106 19.97 -23.71 -6.95
N PHE B 107 19.74 -22.45 -6.56
CA PHE B 107 20.37 -21.93 -5.36
C PHE B 107 19.44 -21.79 -4.16
N ARG B 108 18.23 -22.32 -4.25
CA ARG B 108 17.26 -22.20 -3.17
C ARG B 108 17.61 -23.03 -1.96
N GLN B 109 17.05 -22.63 -0.82
CA GLN B 109 17.27 -23.32 0.46
C GLN B 109 18.71 -23.39 0.89
N ARG B 110 19.41 -22.30 0.68
CA ARG B 110 20.78 -22.19 1.06
C ARG B 110 20.99 -20.91 1.84
N GLY B 111 19.89 -20.22 2.20
CA GLY B 111 20.01 -19.01 3.00
C GLY B 111 20.24 -17.75 2.18
N VAL B 112 20.16 -17.87 0.85
CA VAL B 112 20.36 -16.67 0.02
C VAL B 112 19.27 -15.62 0.33
N ALA B 113 18.00 -16.01 0.31
CA ALA B 113 16.91 -15.06 0.61
C ALA B 113 17.11 -14.48 2.01
N LYS B 114 17.46 -15.36 2.94
CA LYS B 114 17.67 -14.90 4.30
C LYS B 114 18.69 -13.77 4.24
N GLN B 115 19.75 -13.97 3.47
CA GLN B 115 20.79 -12.95 3.39
C GLN B 115 20.34 -11.65 2.69
N LEU B 116 19.49 -11.80 1.67
CA LEU B 116 19.01 -10.65 0.92
C LEU B 116 18.15 -9.82 1.84
N ILE B 117 17.28 -10.51 2.59
CA ILE B 117 16.39 -9.81 3.49
C ILE B 117 17.15 -9.13 4.61
N ALA B 118 18.26 -9.74 5.08
CA ALA B 118 19.06 -9.12 6.13
C ALA B 118 19.59 -7.80 5.57
N ALA B 119 20.06 -7.83 4.33
CA ALA B 119 20.58 -6.62 3.72
C ALA B 119 19.47 -5.58 3.56
N VAL B 120 18.28 -5.99 3.10
CA VAL B 120 17.18 -5.01 2.98
C VAL B 120 16.94 -4.40 4.40
N GLN B 121 16.86 -5.26 5.40
CA GLN B 121 16.61 -4.81 6.75
C GLN B 121 17.62 -3.77 7.30
N ARG B 122 18.90 -3.94 6.98
CA ARG B 122 19.92 -3.01 7.44
C ARG B 122 19.75 -1.67 6.73
N TRP B 123 19.49 -1.75 5.42
CA TRP B 123 19.29 -0.53 4.63
C TRP B 123 18.14 0.26 5.26
N GLY B 124 17.06 -0.43 5.58
CA GLY B 124 15.88 0.18 6.16
C GLY B 124 16.09 0.85 7.50
N THR B 125 16.80 0.16 8.37
CA THR B 125 17.15 0.63 9.68
C THR B 125 18.01 1.90 9.52
N ASN B 126 18.91 1.90 8.57
CA ASN B 126 19.74 3.07 8.34
C ASN B 126 18.90 4.22 7.78
N LYS B 127 17.70 3.90 7.32
CA LYS B 127 16.83 4.94 6.82
C LYS B 127 15.80 5.29 7.88
N GLY B 128 15.99 4.80 9.10
CA GLY B 128 15.06 5.13 10.17
C GLY B 128 13.74 4.38 10.23
N CYS B 129 13.64 3.20 9.60
CA CYS B 129 12.39 2.46 9.67
C CYS B 129 12.41 1.60 10.92
N ARG B 130 11.30 1.58 11.67
CA ARG B 130 11.25 0.75 12.89
C ARG B 130 10.57 -0.56 12.56
N GLU B 131 9.95 -0.64 11.39
CA GLU B 131 9.29 -1.87 10.97
C GLU B 131 9.67 -2.21 9.53
N MET B 132 9.66 -3.51 9.24
CA MET B 132 9.92 -4.02 7.91
C MET B 132 8.65 -4.79 7.58
N ALA B 133 8.14 -4.63 6.36
CA ALA B 133 6.94 -5.40 6.01
C ALA B 133 7.10 -5.98 4.62
N SER B 134 6.17 -6.87 4.29
CA SER B 134 6.17 -7.53 3.00
C SER B 134 4.73 -8.03 2.77
N ASP B 135 4.46 -8.63 1.61
CA ASP B 135 3.15 -9.23 1.34
C ASP B 135 3.34 -10.34 0.30
N THR B 136 2.39 -11.25 0.25
CA THR B 136 2.49 -12.35 -0.70
C THR B 136 1.10 -12.91 -0.97
N SER B 137 1.00 -13.70 -2.04
CA SER B 137 -0.28 -14.30 -2.37
C SER B 137 -0.67 -15.45 -1.41
N PRO B 138 -1.97 -15.56 -1.13
CA PRO B 138 -2.57 -16.57 -0.25
C PRO B 138 -2.23 -17.92 -0.85
N GLU B 139 -1.93 -17.92 -2.14
CA GLU B 139 -1.62 -19.15 -2.82
C GLU B 139 -0.16 -19.52 -2.75
N ASN B 140 0.67 -18.57 -2.36
CA ASN B 140 2.10 -18.81 -2.32
C ASN B 140 2.54 -19.36 -0.99
N THR B 141 2.29 -20.65 -0.85
CA THR B 141 2.60 -21.44 0.32
C THR B 141 4.05 -21.35 0.73
N ILE B 142 4.95 -21.54 -0.23
CA ILE B 142 6.38 -21.49 0.03
C ILE B 142 6.75 -20.09 0.57
N SER B 143 6.29 -19.04 -0.10
CA SER B 143 6.56 -17.68 0.35
C SER B 143 6.09 -17.49 1.81
N GLN B 144 4.89 -17.98 2.10
CA GLN B 144 4.41 -17.84 3.44
C GLN B 144 5.34 -18.48 4.44
N LYS B 145 5.84 -19.69 4.14
CA LYS B 145 6.76 -20.38 5.10
C LYS B 145 8.04 -19.61 5.27
N VAL B 146 8.54 -19.10 4.14
CA VAL B 146 9.77 -18.31 4.16
C VAL B 146 9.61 -17.11 5.10
N HIS B 147 8.57 -16.30 4.88
CA HIS B 147 8.34 -15.16 5.77
C HIS B 147 8.30 -15.53 7.24
N GLN B 148 7.58 -16.60 7.52
CA GLN B 148 7.48 -17.09 8.89
C GLN B 148 8.84 -17.50 9.41
N ALA B 149 9.51 -18.35 8.64
CA ALA B 149 10.83 -18.82 9.05
C ALA B 149 11.76 -17.65 9.33
N LEU B 150 11.60 -16.54 8.60
CA LEU B 150 12.48 -15.40 8.83
C LEU B 150 12.02 -14.41 9.88
N GLY B 151 11.02 -14.77 10.64
CA GLY B 151 10.64 -13.87 11.72
C GLY B 151 9.51 -12.91 11.46
N PHE B 152 8.90 -12.95 10.28
CA PHE B 152 7.79 -12.05 10.02
C PHE B 152 6.54 -12.66 10.60
N GLU B 153 5.65 -11.82 11.08
CA GLU B 153 4.38 -12.27 11.60
C GLU B 153 3.29 -11.78 10.61
N GLU B 154 2.27 -12.61 10.41
CA GLU B 154 1.17 -12.27 9.54
C GLU B 154 0.33 -11.17 10.21
N THR B 155 0.00 -10.11 9.48
CA THR B 155 -0.80 -9.05 10.08
C THR B 155 -2.25 -9.07 9.53
N GLU B 156 -2.50 -8.71 8.28
CA GLU B 156 -3.88 -8.73 7.77
C GLU B 156 -3.91 -9.39 6.45
N ARG B 157 -5.10 -9.78 6.01
CA ARG B 157 -5.25 -10.31 4.67
C ARG B 157 -6.29 -9.37 4.05
N VAL B 158 -6.04 -8.90 2.84
CA VAL B 158 -7.04 -8.00 2.21
C VAL B 158 -7.15 -8.26 0.76
N ILE B 159 -8.24 -7.72 0.20
CA ILE B 159 -8.55 -7.73 -1.20
C ILE B 159 -8.32 -6.29 -1.65
N PHE B 160 -7.65 -6.11 -2.79
CA PHE B 160 -7.44 -4.78 -3.32
C PHE B 160 -8.36 -4.57 -4.48
N TYR B 161 -8.79 -3.31 -4.69
CA TYR B 161 -9.66 -2.93 -5.79
C TYR B 161 -9.05 -1.74 -6.52
N ARG B 162 -9.42 -1.61 -7.77
CA ARG B 162 -8.94 -0.51 -8.58
C ARG B 162 -10.01 0.01 -9.51
N LYS B 163 -10.03 1.32 -9.73
CA LYS B 163 -10.96 1.93 -10.67
C LYS B 163 -10.14 2.98 -11.46
N ARG B 164 -10.12 2.90 -12.80
CA ARG B 164 -9.36 3.89 -13.58
C ARG B 164 -10.09 5.21 -13.56
N CYS B 165 -9.37 6.29 -13.30
CA CYS B 165 -9.99 7.61 -13.25
C CYS B 165 -9.86 8.15 -14.65
NI NI C . -25.32 21.13 -2.38
S SO4 D . -12.48 -3.33 6.21
O1 SO4 D . -12.47 -2.61 4.92
O2 SO4 D . -12.09 -2.42 7.29
O3 SO4 D . -13.83 -3.86 6.47
O4 SO4 D . -11.51 -4.41 6.17
N1A COA E . -25.78 -5.26 0.08
C2A COA E . -25.52 -5.32 -1.29
N3A COA E . -25.16 -4.29 -2.08
C4A COA E . -25.03 -3.06 -1.46
C5A COA E . -25.25 -2.89 -0.05
C6A COA E . -25.64 -4.06 0.74
N6A COA E . -25.86 -3.91 2.09
N7A COA E . -25.05 -1.59 0.34
C8A COA E . -24.72 -0.96 -0.73
N9A COA E . -24.69 -1.82 -1.81
C1B COA E . -24.33 -1.48 -3.17
C2B COA E . -25.41 -1.32 -4.19
O2B COA E . -25.14 -2.26 -5.27
C3B COA E . -25.22 0.09 -4.75
O3B COA E . -26.33 0.87 -4.51
P3B COA E . -27.93 0.44 -5.05
O7A COA E . -27.86 -1.01 -5.56
O8A COA E . -28.41 1.41 -6.13
O9A COA E . -28.76 0.59 -3.75
C4B COA E . -23.83 0.52 -4.16
O4B COA E . -23.37 -0.49 -3.32
C5B COA E . -23.57 1.87 -3.47
O5B COA E . -24.32 1.95 -2.22
P1A COA E . -24.38 3.32 -1.32
O1A COA E . -23.65 4.46 -1.98
O2A COA E . -25.83 3.59 -0.95
O3A COA E . -23.55 2.79 -0.07
P2A COA E . -23.69 3.26 1.48
O4A COA E . -23.98 4.71 1.55
O5A COA E . -24.74 2.38 2.11
O6A COA E . -22.31 2.91 2.22
CBP COA E . -20.69 1.44 3.22
CCP COA E . -21.58 1.70 1.98
CDP COA E . -19.74 0.21 2.97
CEP COA E . -19.76 2.70 3.40
CAP COA E . -21.61 1.17 4.49
OAP COA E . -22.24 -0.15 4.42
C9P COA E . -20.85 1.25 5.79
O9P COA E . -20.63 2.34 6.33
N8P COA E . -20.42 0.05 6.25
C7P COA E . -19.56 -0.10 7.47
C6P COA E . -18.11 0.44 7.26
C5P COA E . -17.38 -0.37 6.23
O5P COA E . -17.51 -1.58 6.18
N4P COA E . -16.57 0.32 5.35
C3P COA E . -15.92 -0.35 4.19
C2P COA E . -14.38 -0.23 4.06
S1P COA E . -13.62 1.03 5.19
O1 RIO F . -7.84 -2.45 11.12
C1 RIO F . -8.51 -1.31 11.70
C2 RIO F . -7.47 -0.39 12.30
O2 RIO F . -6.49 -0.09 11.29
C3 RIO F . -6.19 1.26 11.30
O3 RIO F . -6.87 1.81 10.21
C4 RIO F . -6.12 2.47 9.24
C5 RIO F . -6.08 3.97 9.49
O4 RIO F . -5.58 4.25 10.81
C6 RIO F . -5.20 4.70 8.42
N1 RIO F . -5.32 6.17 8.65
C7 RIO F . -5.73 4.36 6.98
C8 RIO F . -5.80 2.82 6.74
N2 RIO F . -6.37 2.51 5.40
C9 RIO F . -6.67 2.13 7.82
O5 RIO F . -6.66 0.73 7.51
C10 RIO F . -7.75 -0.05 8.03
O6 RIO F . -8.97 0.19 7.28
C11 RIO F . -8.99 -0.29 5.93
C12 RIO F . -10.41 0.04 5.42
N3 RIO F . -10.55 -0.22 3.98
C13 RIO F . -8.65 -1.81 5.87
O7 RIO F . -8.47 -2.25 4.52
C14 RIO F . -7.33 -2.09 6.57
O8 RIO F . -7.11 -3.51 6.53
C15 RIO F . -7.38 -1.55 8.04
N4 RIO F . -6.06 -1.72 8.72
C16 RIO F . -6.83 1.87 12.54
O9 RIO F . -5.94 1.97 13.66
C17 RIO F . -8.02 0.94 12.79
O10 RIO F . -8.32 0.88 14.20
S SO4 G . 3.92 -13.37 -4.43
O1 SO4 G . 4.52 -12.84 -3.19
O2 SO4 G . 4.90 -13.24 -5.52
O3 SO4 G . 3.54 -14.80 -4.27
O4 SO4 G . 2.69 -12.63 -4.76
N1A COA H . 9.57 -24.77 2.07
C2A COA H . 9.60 -24.46 3.44
N3A COA H . 10.46 -23.64 4.06
C4A COA H . 11.40 -23.04 3.24
C5A COA H . 11.44 -23.29 1.84
C6A COA H . 10.49 -24.19 1.25
N6A COA H . 10.54 -24.41 -0.08
N7A COA H . 12.43 -22.58 1.22
C8A COA H . 13.01 -21.92 2.18
N9A COA H . 12.40 -22.19 3.38
C1B COA H . 12.79 -21.60 4.65
C2B COA H . 14.15 -22.04 5.14
O2B COA H . 14.06 -23.39 5.66
C3B COA H . 14.34 -21.02 6.23
O3B COA H . 15.61 -21.05 6.75
P3B COA H . 15.81 -21.26 8.36
O7A COA H . 14.45 -21.39 8.95
O8A COA H . 16.60 -20.11 8.86
O9A COA H . 16.56 -22.54 8.44
C4B COA H . 13.98 -19.72 5.44
O4B COA H . 12.91 -20.14 4.58
C5B COA H . 15.07 -19.03 4.61
O5B COA H . 15.33 -19.79 3.43
P1A COA H . 16.30 -19.32 2.26
O1A COA H . 17.07 -18.09 2.55
O2A COA H . 17.13 -20.49 1.97
O3A COA H . 15.31 -19.09 1.09
P2A COA H . 15.63 -19.08 -0.47
O4A COA H . 16.98 -18.54 -0.76
O5A COA H . 15.43 -20.47 -1.04
O6A COA H . 14.53 -18.20 -1.25
CBP COA H . 12.35 -17.65 -2.11
CCP COA H . 13.13 -18.20 -0.89
CDP COA H . 10.85 -17.38 -1.75
CEP COA H . 12.97 -16.25 -2.50
CAP COA H . 12.44 -18.67 -3.27
OAP COA H . 11.83 -19.93 -2.90
C9P COA H . 11.97 -18.16 -4.63
O9P COA H . 12.66 -17.40 -5.29
N8P COA H . 10.66 -18.46 -4.94
C7P COA H . 10.04 -18.01 -6.18
C6P COA H . 9.68 -16.47 -6.14
C5P COA H . 8.69 -16.15 -5.03
O5P COA H . 7.88 -16.95 -4.62
N4P COA H . 9.02 -15.01 -4.32
C3P COA H . 8.47 -14.75 -2.98
C2P COA H . 7.45 -13.60 -2.93
S1P COA H . 8.09 -12.10 -3.76
O1 RIO I . 1.16 -9.34 -9.49
C1 RIO I . 2.39 -9.35 -10.18
C2 RIO I . 2.48 -8.07 -10.95
O2 RIO I . 2.44 -6.95 -10.00
C3 RIO I . 3.51 -6.07 -10.25
O3 RIO I . 4.54 -6.38 -9.31
C4 RIO I . 4.92 -5.32 -8.41
C5 RIO I . 6.14 -4.55 -8.90
O4 RIO I . 5.87 -4.05 -10.18
C6 RIO I . 6.48 -3.31 -7.99
N1 RIO I . 7.71 -2.68 -8.49
C7 RIO I . 6.68 -3.81 -6.52
C8 RIO I . 5.42 -4.59 -6.01
N2 RIO I . 5.65 -5.13 -4.62
C9 RIO I . 5.11 -5.82 -6.97
O5 RIO I . 3.98 -6.47 -6.43
C10 RIO I . 3.84 -7.86 -6.77
O6 RIO I . 4.79 -8.61 -6.03
C11 RIO I . 4.57 -8.83 -4.61
C12 RIO I . 5.55 -9.96 -4.24
N3 RIO I . 5.96 -9.88 -2.88
C13 RIO I . 3.14 -9.33 -4.42
O7 RIO I . 2.80 -9.74 -3.10
C14 RIO I . 2.13 -8.38 -5.00
O8 RIO I . 0.84 -8.89 -4.83
C15 RIO I . 2.40 -8.32 -6.53
N4 RIO I . 1.49 -7.33 -7.15
C16 RIO I . 4.04 -6.41 -11.61
O9 RIO I . 3.34 -5.77 -12.63
C17 RIO I . 3.81 -7.94 -11.66
O10 RIO I . 3.72 -8.36 -13.03
#